data_202D
#
_entry.id   202D
#
_cell.length_a   1.000
_cell.length_b   1.000
_cell.length_c   1.000
_cell.angle_alpha   90.00
_cell.angle_beta   90.00
_cell.angle_gamma   90.00
#
_symmetry.space_group_name_H-M   'P 1'
#
loop_
_entity.id
_entity.type
_entity.pdbx_description
1 polymer "DNA (5'-D(*GP*AP*CP*AP*TP*GP*TP*C)-3')"
2 non-polymer MENOGARIL
#
_entity_poly.entity_id   1
_entity_poly.type   'polydeoxyribonucleotide'
_entity_poly.pdbx_seq_one_letter_code
;(DG)(DA)(DC)(DA)(DT)(DG)(DT)(DC)
;
_entity_poly.pdbx_strand_id   A,B
#
loop_
_chem_comp.id
_chem_comp.type
_chem_comp.name
_chem_comp.formula
DA DNA linking 2'-DEOXYADENOSINE-5'-MONOPHOSPHATE 'C10 H14 N5 O6 P'
DC DNA linking 2'-DEOXYCYTIDINE-5'-MONOPHOSPHATE 'C9 H14 N3 O7 P'
DG DNA linking 2'-DEOXYGUANOSINE-5'-MONOPHOSPHATE 'C10 H14 N5 O7 P'
DT DNA linking THYMIDINE-5'-MONOPHOSPHATE 'C10 H15 N2 O8 P'
MNG non-polymer MENOGARIL 'C28 H31 N O10'
#
# COMPACT_ATOMS: atom_id res chain seq x y z
C1 MNG C . -3.87 -0.05 4.69
C2 MNG C . -4.90 0.81 4.22
C3 MNG C . -4.58 2.09 3.83
C4 MNG C . -3.32 2.56 3.88
C5 MNG C . -0.95 2.28 4.38
C6 MNG C . 1.47 2.00 4.92
C7 MNG C . 4.01 1.68 5.49
C8 MNG C . 4.96 0.50 5.78
C9 MNG C . 4.45 -0.43 6.85
C10 MNG C . 3.24 -1.14 6.32
C11 MNG C . 0.92 -0.60 5.70
C12 MNG C . -1.46 -0.35 5.20
C16 MNG C . -2.53 0.43 4.74
C17 MNG C . -2.26 1.76 4.33
C18 MNG C . 0.13 1.51 4.84
C19 MNG C . 2.53 1.17 5.39
C20 MNG C . 2.21 -0.14 5.78
C21 MNG C . -0.15 0.17 5.25
C1' MNG C . -5.54 -1.79 5.13
C2' MNG C . -6.20 -1.52 6.52
C3' MNG C . -6.37 0.04 6.72
C4' MNG C . -7.09 0.72 5.44
C5' MNG C . -6.34 0.28 4.16
C5M MNG C . -7.09 0.78 2.91
C1M MNG C . -8.12 -0.58 8.49
C2M MNG C . -6.47 1.27 8.93
C7M MNG C . 5.72 2.96 4.32
C9M MNG C . 4.10 0.33 8.14
O1 MNG C . -4.19 -1.35 5.08
O4 MNG C . -3.15 3.86 3.45
O5 MNG C . -0.84 3.45 4.00
O6 MNG C . 1.68 3.30 4.50
O7 MNG C . 4.44 2.33 4.28
O9 MNG C . 5.43 -1.36 7.20
O12 MNG C . -1.66 -1.51 5.57
O1' MNG C . -6.33 -1.15 4.10
O2' MNG C . -5.45 -2.09 7.59
O4' MNG C . -7.11 2.13 5.57
N1 MNG C . -7.15 0.40 7.94
H3 MNG C . -5.33 2.78 3.46
H7 MNG C . 4.13 2.34 6.35
H81 MNG C . 5.93 0.96 6.08
H82 MNG C . 5.14 -0.08 4.86
H101 MNG C . 3.50 -1.84 5.52
H102 MNG C . 2.86 -1.74 7.14
H11 MNG C . 0.73 -1.61 6.03
H1' MNG C . -5.61 -2.88 4.98
H2' MNG C . -7.17 -2.04 6.49
H3' MNG C . -5.35 0.43 6.82
H4' MNG C . -8.13 0.40 5.30
H5M1 MNG C . -8.09 0.36 2.90
H5M2 MNG C . -6.58 0.45 2.01
H5M3 MNG C . -7.17 1.85 2.92
H1M1 MNG C . -7.59 -1.40 8.95
H1M2 MNG C . -8.76 -0.98 7.72
H1M3 MNG C . -8.75 -0.13 9.25
H2M1 MNG C . -7.18 1.65 9.64
H2M2 MNG C . -5.99 2.11 8.44
H2M3 MNG C . -5.71 0.72 9.47
H7M1 MNG C . 5.75 3.70 5.11
H7M2 MNG C . 6.50 2.22 4.48
H7M3 MNG C . 5.91 3.45 3.38
H9M1 MNG C . 3.73 -0.36 8.88
H9M2 MNG C . 3.33 1.08 7.98
H9M3 MNG C . 4.98 0.80 8.53
HO4 MNG C . -2.18 4.02 3.57
HO6 MNG C . 2.57 3.46 4.21
HO9 MNG C . 5.12 -1.89 7.97
HO2' MNG C . -4.57 -1.67 7.70
HO4' MNG C . -7.56 2.37 6.39
C1 MNG D . 1.42 1.83 -5.61
C2 MNG D . 0.29 2.59 -5.97
C3 MNG D . -0.96 2.00 -5.97
C4 MNG D . -1.13 0.70 -5.61
C5 MNG D . -0.23 -1.44 -4.87
C6 MNG D . 0.67 -3.64 -4.13
C7 MNG D . 1.66 -5.96 -3.36
C8 MNG D . 2.98 -6.49 -2.78
C9 MNG D . 4.20 -6.06 -3.56
C10 MNG D . 4.36 -4.58 -3.41
C11 MNG D . 3.20 -2.52 -4.13
C12 MNG D . 2.35 -0.35 -4.86
C16 MNG D . 1.26 0.47 -5.23
C17 MNG D . -0.04 -0.11 -5.23
C18 MNG D . 0.83 -2.28 -4.50
C19 MNG D . 1.79 -4.45 -3.77
C20 MNG D . 3.06 -3.85 -3.78
C21 MNG D . 2.13 -1.70 -4.49
C1' MNG D . 2.85 3.76 -6.11
C2' MNG D . 3.14 3.79 -7.65
C3' MNG D . 1.85 3.33 -8.42
C4' MNG D . 0.55 4.14 -7.94
C5' MNG D . 0.47 4.06 -6.39
C5M MNG D . -0.68 4.95 -5.86
C1M MNG D . 2.91 4.51 -10.46
C2M MNG D . 1.78 2.26 -10.74
C7M MNG D . 0.29 -7.52 -2.08
C9M MNG D . 4.07 -6.44 -5.05
O1 MNG D . 2.68 2.43 -5.62
O4 MNG D . -2.42 0.24 -5.63
O5 MNG D . -1.42 -1.82 -4.92
O6 MNG D . -0.62 -4.14 -4.15
O7 MNG D . 0.61 -6.16 -2.40
O9 MNG D . 5.35 -6.71 -3.09
O12 MNG D . 3.48 0.10 -4.84
O1' MNG D . 1.69 4.57 -5.84
O2' MNG D . 4.26 2.98 -8.00
O4' MNG D . -0.64 3.63 -8.54
N1 MNG D . 1.95 3.49 -9.92
H3 MNG D . -1.85 2.53 -6.24
H7 MNG D . 1.48 -6.58 -4.25
H81 MNG D . 2.89 -7.59 -2.75
H82 MNG D . 3.09 -6.15 -1.74
H101 MNG D . 4.65 -4.29 -2.39
H102 MNG D . 5.20 -4.29 -4.06
H11 MNG D . 4.20 -2.12 -4.12
H1' MNG D . 3.72 4.24 -5.65
H2' MNG D . 3.41 4.84 -7.88
H3' MNG D . 1.74 2.26 -8.20
H4' MNG D . 0.58 5.22 -8.17
H5M1 MNG D . -0.49 5.97 -6.16
H5M2 MNG D . -0.72 4.91 -4.79
H5M3 MNG D . -1.62 4.66 -6.28
H1M1 MNG D . 3.93 4.18 -10.32
H1M2 MNG D . 2.79 5.46 -9.97
H1M3 MNG D . 2.75 4.66 -11.52
H2M1 MNG D . 1.65 2.52 -11.78
H2M2 MNG D . 0.91 1.71 -10.41
H2M3 MNG D . 2.64 1.62 -10.64
H7M1 MNG D . 0.02 -8.06 -2.98
H7M2 MNG D . 1.14 -8.00 -1.61
H7M3 MNG D . -0.53 -7.55 -1.39
H9M1 MNG D . 4.94 -6.11 -5.59
H9M2 MNG D . 3.21 -5.96 -5.51
H9M3 MNG D . 3.99 -7.51 -5.14
HO4 MNG D . -2.34 -0.70 -5.35
HO6 MNG D . -0.75 -4.89 -3.56
HO9 MNG D . 6.11 -6.49 -3.67
HO2' MNG D . 4.10 2.04 -7.84
HO4' MNG D . -0.54 3.67 -9.50
C1 MNG C . -3.99 0.03 4.53
C2 MNG C . -4.98 0.91 4.04
C3 MNG C . -4.63 2.19 3.67
C4 MNG C . -3.35 2.63 3.76
C5 MNG C . -1.01 2.29 4.35
C6 MNG C . 1.39 1.93 4.94
C7 MNG C . 3.91 1.54 5.60
C8 MNG C . 4.83 0.35 5.93
C9 MNG C . 4.24 -0.57 6.97
C10 MNG C . 3.04 -1.24 6.38
C11 MNG C . 0.75 -0.64 5.70
C12 MNG C . -1.60 -0.34 5.12
C16 MNG C . -2.65 0.48 4.64
C17 MNG C . -2.32 1.80 4.25
C18 MNG C . 0.04 1.49 4.83
C19 MNG C . 2.40 1.08 5.45
C20 MNG C . 2.05 -0.23 5.82
C21 MNG C . -0.28 0.16 5.23
C1' MNG C . -5.69 -1.68 4.91
C2' MNG C . -6.40 -1.41 6.29
C3' MNG C . -6.53 0.15 6.51
C4' MNG C . -7.21 0.85 5.21
C5' MNG C . -6.43 0.39 3.94
C5M MNG C . -7.13 0.93 2.66
C1M MNG C . -8.81 0.60 7.65
C2M MNG C . -6.64 1.16 8.86
C7M MNG C . 5.67 2.79 4.48
C9M MNG C . 3.82 0.20 8.24
O1 MNG C . -4.33 -1.26 4.91
O4 MNG C . -3.12 3.93 3.36
O5 MNG C . -0.87 3.45 3.97
O6 MNG C . 1.65 3.24 4.56
O7 MNG C . 4.38 2.16 4.40
O9 MNG C . 5.18 -1.53 7.36
O12 MNG C . -1.83 -1.49 5.48
O1' MNG C . -6.44 -1.04 3.87
O2' MNG C . -5.69 -2.01 7.38
O4' MNG C . -7.18 2.26 5.32
N1 MNG C . -7.33 0.47 7.73
H3 MNG C . -5.35 2.90 3.29
H7 MNG C . 4.01 2.20 6.46
H81 MNG C . 5.79 0.78 6.26
H82 MNG C . 5.03 -0.22 5.01
H101 MNG C . 3.35 -1.92 5.56
H102 MNG C . 2.60 -1.89 7.15
H11 MNG C . 0.52 -1.66 6.00
H1' MNG C . -5.75 -2.78 4.76
H2' MNG C . -7.38 -1.90 6.23
H3' MNG C . -5.50 0.53 6.64
H4' MNG C . -8.26 0.55 5.04
H5M1 MNG C . -8.13 0.52 2.61
H5M2 MNG C . -6.58 0.61 1.78
H5M3 MNG C . -7.20 2.00 2.66
H1M1 MNG C . -9.12 1.57 7.29
H1M2 MNG C . -9.26 0.44 8.62
H1M3 MNG C . -9.22 -0.16 6.98
H2M1 MNG C . -7.21 1.06 9.77
H2M2 MNG C . -6.53 2.22 8.65
H2M3 MNG C . -5.66 0.75 9.01
H7M1 MNG C . 6.44 2.06 4.71
H7M2 MNG C . 5.91 3.23 3.53
H7M3 MNG C . 5.67 3.57 5.23
H9M1 MNG C . 3.40 -0.49 8.96
H9M2 MNG C . 3.07 0.95 8.05
H9M3 MNG C . 4.68 0.68 8.68
HO4 MNG C . -2.15 4.03 3.51
HO6 MNG C . 2.56 3.34 4.28
HO9 MNG C . 4.83 -2.02 8.12
HO2' MNG C . -4.81 -1.61 7.51
HO4' MNG C . -7.57 2.51 6.17
C1 MNG D . 1.27 2.01 -5.61
C2 MNG D . 0.10 2.73 -5.94
C3 MNG D . -1.12 2.10 -5.89
C4 MNG D . -1.23 0.80 -5.54
C5 MNG D . -0.25 -1.32 -4.84
C6 MNG D . 0.76 -3.49 -4.14
C7 MNG D . 1.85 -5.77 -3.41
C8 MNG D . 3.20 -6.27 -2.88
C9 MNG D . 4.37 -5.78 -3.70
C10 MNG D . 4.48 -4.31 -3.53
C11 MNG D . 3.24 -2.30 -4.21
C12 MNG D . 2.28 -0.15 -4.90
C16 MNG D . 1.17 0.64 -5.24
C17 MNG D . -0.10 0.03 -5.20
C18 MNG D . 0.85 -2.12 -4.51
C19 MNG D . 1.91 -4.26 -3.81
C20 MNG D . 3.15 -3.61 -3.86
C21 MNG D . 2.13 -1.51 -4.54
C1' MNG D . 2.64 3.98 -6.13
C2' MNG D . 2.89 4.01 -7.69
C3' MNG D . 1.59 3.51 -8.44
C4' MNG D . 0.28 4.30 -7.90
C5' MNG D . 0.24 4.22 -6.34
C5M MNG D . -0.92 5.06 -5.77
C1M MNG D . 1.30 4.97 -10.56
C2M MNG D . 1.74 2.46 -10.77
C7M MNG D . 0.57 -7.38 -2.10
C9M MNG D . 4.18 -6.13 -5.19
O1 MNG D . 2.51 2.63 -5.66
O4 MNG D . -2.51 0.27 -5.53
O5 MNG D . -1.42 -1.73 -4.86
O6 MNG D . -0.51 -4.06 -4.13
O7 MNG D . 0.84 -6.01 -2.42
O9 MNG D . 5.55 -6.41 -3.28
O12 MNG D . 3.42 0.33 -4.91
O1' MNG D . 1.47 4.74 -5.82
O2' MNG D . 4.02 3.24 -8.06
O4' MNG D . -0.91 3.74 -8.45
N1 MNG D . 1.72 3.69 -9.92
H3 MNG D . -2.05 2.61 -6.14
H7 MNG D . 1.67 -6.40 -4.30
H81 MNG D . 3.14 -7.37 -2.85
H82 MNG D . 3.33 -5.94 -1.84
H101 MNG D . 4.75 -4.06 -2.49
H102 MNG D . 5.31 -3.96 -4.15
H11 MNG D . 4.22 -1.84 -4.23
H1' MNG D . 3.51 4.46 -5.67
H2' MNG D . 3.12 5.07 -7.92
H3' MNG D . 1.50 2.44 -8.20
H4' MNG D . 0.28 5.37 -8.14
H5M1 MNG D . -0.76 6.10 -6.06
H5M2 MNG D . -0.93 5.00 -4.70
H5M3 MNG D . -1.87 4.75 -6.17
H1M1 MNG D . 0.24 5.02 -10.74
H1M2 MNG D . 1.79 5.08 -11.52
H1M3 MNG D . 1.58 5.82 -9.95
H2M1 MNG D . 2.13 2.68 -11.74
H2M2 MNG D . 0.74 2.06 -10.90
H2M3 MNG D . 2.35 1.70 -10.31
H7M1 MNG D . 1.45 -7.88 -1.70
H7M2 MNG D . -0.20 -7.43 -1.34
H7M3 MNG D . 0.22 -7.91 -2.97
H9M1 MNG D . 5.04 -5.76 -5.75
H9M2 MNG D . 3.31 -5.66 -5.63
H9M3 MNG D . 4.12 -7.19 -5.33
HO4 MNG D . -2.37 -0.66 -5.25
HO6 MNG D . -0.58 -4.79 -3.52
HO9 MNG D . 6.26 -6.18 -3.90
HO2' MNG D . 3.90 2.29 -7.92
HO4' MNG D . -0.82 3.70 -9.40
C1 MNG C . -3.99 0.04 4.55
C2 MNG C . -4.99 0.92 4.11
C3 MNG C . -4.66 2.23 3.83
C4 MNG C . -3.40 2.70 3.97
C5 MNG C . -1.06 2.38 4.53
C6 MNG C . 1.34 2.04 5.13
C7 MNG C . 3.85 1.67 5.76
C8 MNG C . 4.80 0.48 6.05
C9 MNG C . 4.22 -0.52 7.02
C10 MNG C . 3.07 -1.19 6.36
C11 MNG C . 0.76 -0.60 5.70
C12 MNG C . -1.60 -0.31 5.13
C16 MNG C . -2.65 0.51 4.70
C17 MNG C . -2.36 1.87 4.39
C18 MNG C . 0.01 1.56 4.97
C19 MNG C . 2.37 1.17 5.58
C20 MNG C . 2.05 -0.16 5.86
C21 MNG C . -0.29 0.21 5.26
C1' MNG C . -5.65 -1.73 4.81
C2' MNG C . -6.35 -1.56 6.20
C3' MNG C . -6.54 -0.01 6.50
C4' MNG C . -7.24 0.74 5.26
C5' MNG C . -6.43 0.39 3.96
C5M MNG C . -7.13 0.97 2.74
C1M MNG C . -8.33 -0.76 8.17
C2M MNG C . -6.72 1.03 8.78
C7M MNG C . 5.61 2.99 4.71
C9M MNG C . 3.77 0.16 8.33
O1 MNG C . -4.30 -1.28 4.84
O4 MNG C . -3.21 4.02 3.65
O5 MNG C . -0.93 3.57 4.24
O6 MNG C . 1.57 3.37 4.82
O7 MNG C . 4.32 2.36 4.60
O9 MNG C . 5.19 -1.47 7.37
O12 MNG C . -1.80 -1.49 5.40
O1' MNG C . -6.41 -1.04 3.80
O2' MNG C . -5.62 -2.20 7.25
O4' MNG C . -7.26 2.14 5.45
N1 MNG C . -7.36 0.26 7.71
H3 MNG C . -5.40 2.96 3.49
H7 MNG C . 3.93 2.33 6.64
H81 MNG C . 5.75 0.91 6.42
H82 MNG C . 5.03 -0.03 5.12
H101 MNG C . 3.38 -1.82 5.51
H102 MNG C . 2.62 -1.88 7.09
H11 MNG C . 0.55 -1.63 5.93
H1' MNG C . -5.71 -2.81 4.60
H2' MNG C . -7.32 -2.08 6.12
H3' MNG C . -5.53 0.39 6.67
H4' MNG C . -8.27 0.41 5.08
H5M1 MNG C . -8.11 0.54 2.69
H5M2 MNG C . -6.57 0.71 1.85
H5M3 MNG C . -7.21 2.04 2.83
H1M1 MNG C . -8.97 -0.33 8.92
H1M2 MNG C . -7.80 -1.60 8.60
H1M3 MNG C . -8.92 -1.11 7.34
H2M1 MNG C . -6.21 1.89 8.37
H2M2 MNG C . -5.99 0.40 9.28
H2M3 MNG C . -7.46 1.35 9.50
H7M1 MNG C . 5.86 3.51 3.80
H7M2 MNG C . 5.61 3.71 5.51
H7M3 MNG C . 6.38 2.26 4.89
H9M1 MNG C . 3.36 -0.58 8.99
H9M2 MNG C . 3.00 0.90 8.17
H9M3 MNG C . 4.62 0.62 8.82
HO4 MNG C . -2.25 4.16 3.81
HO6 MNG C . 2.45 3.52 4.47
HO9 MNG C . 4.85 -2.01 8.11
HO2' MNG C . -4.77 -1.77 7.42
HO4' MNG C . -7.73 2.34 6.27
C1 MNG D . 1.34 2.00 -5.56
C2 MNG D . 0.20 2.72 -5.96
C3 MNG D . -1.02 2.06 -6.03
C4 MNG D . -1.15 0.75 -5.74
C5 MNG D . -0.21 -1.38 -5.03
C6 MNG D . 0.77 -3.55 -4.33
C7 MNG D . 1.82 -5.84 -3.59
C8 MNG D . 3.14 -6.36 -2.99
C9 MNG D . 4.37 -5.82 -3.70
C10 MNG D . 4.45 -4.36 -3.44
C11 MNG D . 3.23 -2.32 -4.15
C12 MNG D . 2.31 -0.17 -4.85
C16 MNG D . 1.22 0.62 -5.24
C17 MNG D . -0.05 -0.01 -5.34
C18 MNG D . 0.88 -2.17 -4.64
C19 MNG D . 1.91 -4.32 -3.93
C20 MNG D . 3.14 -3.65 -3.85
C21 MNG D . 2.15 -1.55 -4.54
C1' MNG D . 2.71 3.99 -5.90
C2' MNG D . 3.10 4.08 -7.42
C3' MNG D . 1.85 3.60 -8.29
C4' MNG D . 0.50 4.37 -7.84
C5' MNG D . 0.35 4.21 -6.30
C5M MNG D . -0.84 5.02 -5.80
C1M MNG D . 2.97 4.87 -10.21
C2M MNG D . 1.96 2.63 -10.61
C7M MNG D . 0.48 -7.49 -2.39
C9M MNG D . 4.30 -6.10 -5.21
O1 MNG D . 2.56 2.64 -5.48
O4 MNG D . -2.41 0.22 -5.85
O5 MNG D . -1.36 -1.81 -5.16
O6 MNG D . -0.48 -4.12 -4.43
O7 MNG D . 0.75 -6.11 -2.66
O9 MNG D . 5.52 -6.47 -3.22
O12 MNG D . 3.43 0.33 -4.75
O1' MNG D . 1.53 4.75 -5.66
O2' MNG D . 4.25 3.30 -7.74
O4' MNG D . -0.63 3.83 -8.51
N1 MNG D . 2.02 3.82 -9.76
H3 MNG D . -1.93 2.58 -6.33
H7 MNG D . 1.66 -6.44 -4.50
H81 MNG D . 3.10 -7.46 -3.01
H82 MNG D . 3.21 -6.06 -1.93
H101 MNG D . 4.66 -4.13 -2.39
H102 MNG D . 5.31 -3.97 -4.00
H11 MNG D . 4.20 -1.86 -4.08
H1' MNG D . 3.56 4.48 -5.38
H2' MNG D . 3.34 5.13 -7.62
H3' MNG D . 1.75 2.51 -8.13
H4' MNG D . 0.52 5.44 -8.06
H5M1 MNG D . -0.68 6.06 -6.06
H5M2 MNG D . -0.93 4.94 -4.73
H5M3 MNG D . -1.74 4.68 -6.28
H1M1 MNG D . 2.82 5.05 -11.27
H1M2 MNG D . 3.98 4.56 -10.03
H1M3 MNG D . 2.78 5.79 -9.67
H2M1 MNG D . 1.12 2.03 -10.34
H2M2 MNG D . 2.87 2.06 -10.47
H2M3 MNG D . 1.88 2.94 -11.65
H7M1 MNG D . -0.35 -7.59 -1.71
H7M2 MNG D . 0.21 -8.00 -3.31
H7M3 MNG D . 1.33 -7.97 -1.94
H9M1 MNG D . 5.19 -5.71 -5.67
H9M2 MNG D . 3.46 -5.63 -5.70
H9M3 MNG D . 4.26 -7.17 -5.39
HO4 MNG D . -2.30 -0.71 -5.58
HO6 MNG D . -0.62 -4.83 -3.80
HO9 MNG D . 6.27 -6.23 -3.80
HO2' MNG D . 4.11 2.36 -7.64
HO4' MNG D . -0.50 3.90 -9.46
C1 MNG C . -3.43 0.21 4.55
C2 MNG C . -4.44 1.10 4.21
C3 MNG C . -4.16 2.43 3.98
C4 MNG C . -2.87 2.92 4.08
C5 MNG C . -0.48 2.52 4.53
C6 MNG C . 1.91 2.14 4.98
C7 MNG C . 4.43 1.80 5.46
C8 MNG C . 5.41 0.65 5.61
C9 MNG C . 4.94 -0.44 6.56
C10 MNG C . 3.72 -1.10 5.96
C11 MNG C . 1.36 -0.51 5.45
C12 MNG C . -1.03 -0.18 5.00
C16 MNG C . -2.10 0.67 4.66
C17 MNG C . -1.81 2.05 4.41
C18 MNG C . 0.58 1.67 4.87
C19 MNG C . 2.97 1.27 5.33
C20 MNG C . 2.67 -0.07 5.56
C21 MNG C . 0.29 0.31 5.11
C1' MNG C . -5.08 -1.60 4.76
C2' MNG C . -5.74 -1.54 6.18
C3' MNG C . -5.87 -0.06 6.63
C4' MNG C . -6.60 0.83 5.47
C5' MNG C . -5.88 0.57 4.10
C5M MNG C . -6.66 1.25 2.95
C1M MNG C . -8.08 0.41 7.90
C2M MNG C . -5.85 0.46 9.13
C7M MNG C . 6.06 3.26 4.39
C9M MNG C . 4.62 0.12 7.95
O1 MNG C . -3.73 -1.13 4.79
O4 MNG C . -2.67 4.25 3.82
O5 MNG C . -0.16 3.70 4.33
O6 MNG C . 2.18 3.48 4.75
O7 MNG C . 4.80 2.56 4.30
O9 MNG C . 5.97 -1.37 6.72
O12 MNG C . -1.24 -1.36 5.22
O1' MNG C . -5.87 -0.84 3.84
O2' MNG C . -4.96 -2.27 7.12
O4' MNG C . -6.59 2.21 5.79
N1 MNG C . -6.63 0.05 7.93
H3 MNG C . -4.97 3.10 3.72
H7 MNG C . 4.54 2.42 6.36
H81 MNG C . 6.37 1.09 5.93
H82 MNG C . 5.57 0.19 4.63
H101 MNG C . 4.00 -1.67 5.05
H102 MNG C . 3.33 -1.84 6.68
H11 MNG C . 1.17 -1.56 5.64
H1' MNG C . -5.13 -2.66 4.47
H2' MNG C . -6.71 -2.04 6.09
H3' MNG C . -4.85 0.31 6.78
H4' MNG C . -7.65 0.54 5.29
H5M1 MNG C . -7.65 0.82 2.90
H5M2 MNG C . -6.16 1.08 2.01
H5M3 MNG C . -6.77 2.31 3.12
H1M1 MNG C . -8.52 0.20 8.86
H1M2 MNG C . -8.59 -0.17 7.15
H1M3 MNG C . -8.21 1.46 7.69
H2M1 MNG C . -5.66 1.53 9.12
H2M2 MNG C . -4.91 -0.06 9.18
H2M3 MNG C . -6.42 0.24 10.02
H7M1 MNG C . 6.04 3.95 5.22
H7M2 MNG C . 6.87 2.57 4.51
H7M3 MNG C . 6.21 3.82 3.47
H9M1 MNG C . 4.31 -0.68 8.60
H9M2 MNG C . 3.84 0.86 7.92
H9M3 MNG C . 5.52 0.57 8.37
HO4 MNG C . -2.90 4.45 2.92
HO6 MNG C . 1.31 3.92 4.60
HO9 MNG C . 5.68 -2.05 7.34
HO2' MNG C . -4.12 -1.82 7.31
HO4' MNG C . -5.79 2.41 6.28
C1 MNG D . 1.28 1.35 -5.36
C2 MNG D . 0.19 2.05 -5.86
C3 MNG D . -1.03 1.42 -6.00
C4 MNG D . -1.20 0.09 -5.66
C5 MNG D . -0.26 -2.02 -4.81
C6 MNG D . 0.67 -4.14 -3.96
C7 MNG D . 1.60 -6.39 -3.07
C8 MNG D . 2.83 -6.90 -2.35
C9 MNG D . 4.13 -6.44 -2.96
C10 MNG D . 4.24 -4.94 -2.78
C11 MNG D . 3.11 -2.90 -3.66
C12 MNG D . 2.22 -0.77 -4.50
C16 MNG D . 1.15 -0.02 -5.00
C17 MNG D . -0.13 -0.66 -5.16
C18 MNG D . 0.81 -2.77 -4.30
C19 MNG D . 1.75 -4.88 -3.46
C20 MNG D . 2.98 -4.24 -3.32
C21 MNG D . 2.06 -2.13 -4.15
C1' MNG D . 2.69 3.35 -5.65
C2' MNG D . 3.19 3.42 -7.13
C3' MNG D . 2.08 2.87 -8.09
C4' MNG D . 0.66 3.61 -7.78
C5' MNG D . 0.36 3.53 -6.24
C5M MNG D . -0.89 4.36 -5.90
C1M MNG D . 1.92 4.20 -10.29
C2M MNG D . 2.79 1.82 -10.30
C7M MNG D . 0.08 -7.95 -1.97
C9M MNG D . 4.25 -6.83 -4.43
O1 MNG D . 2.51 1.99 -5.22
O4 MNG D . -2.45 -0.46 -5.83
O5 MNG D . -1.33 -2.64 -4.92
O6 MNG D . -0.57 -4.75 -4.11
O7 MNG D . 0.46 -6.59 -2.23
O9 MNG D . 5.19 -7.08 -2.30
O12 MNG D . 3.32 -0.25 -4.36
O1' MNG D . 1.47 4.09 -5.52
O2' MNG D . 4.39 2.67 -7.30
O4' MNG D . -0.40 3.00 -8.52
N1 MNG D . 2.46 3.05 -9.52
H3 MNG D . -1.87 1.98 -6.39
H7 MNG D . 1.49 -7.00 -3.98
H81 MNG D . 2.75 -8.00 -2.32
H82 MNG D . 2.79 -6.55 -1.31
H101 MNG D . 4.35 -4.67 -1.73
H102 MNG D . 5.14 -4.59 -3.30
H11 MNG D . 4.08 -2.43 -3.53
H1' MNG D . 3.47 3.84 -5.06
H2' MNG D . 3.42 4.46 -7.34
H3' MNG D . 2.00 1.79 -7.87
H4' MNG D . 0.65 4.68 -8.02
H5M1 MNG D . -0.69 5.39 -6.16
H5M2 MNG D . -1.09 4.31 -4.84
H5M3 MNG D . -1.75 4.04 -6.45
H1M1 MNG D . 2.47 4.33 -11.20
H1M2 MNG D . 1.99 5.11 -9.71
H1M3 MNG D . 0.87 4.04 -10.53
H2M1 MNG D . 1.90 1.28 -10.59
H2M2 MNG D . 3.43 1.17 -9.73
H2M3 MNG D . 3.32 2.09 -11.20
H7M1 MNG D . -0.14 -8.45 -2.90
H7M2 MNG D . 0.87 -8.47 -1.45
H7M3 MNG D . -0.80 -7.96 -1.35
H9M1 MNG D . 5.19 -6.50 -4.83
H9M2 MNG D . 3.46 -6.39 -5.03
H9M3 MNG D . 4.19 -7.90 -4.52
HO4 MNG D . -3.09 -0.02 -5.27
HO6 MNG D . -1.16 -4.08 -4.54
HO9 MNG D . 6.02 -6.80 -2.68
HO2' MNG D . 4.22 1.71 -7.21
HO4' MNG D . -0.21 2.07 -8.62
#